data_4JY8
#
_entry.id   4JY8
#
_cell.length_a   82.430
_cell.length_b   82.430
_cell.length_c   217.340
_cell.angle_alpha   90.00
_cell.angle_beta   90.00
_cell.angle_gamma   120.00
#
_symmetry.space_group_name_H-M   'P 65 2 2'
#
loop_
_entity.id
_entity.type
_entity.pdbx_description
1 polymer 'FEFE-HYDROGENASE MATURASE'
2 non-polymer 'IRON/SULFUR CLUSTER'
3 non-polymer 'HYDROSULFURIC ACID'
4 non-polymer 'CHLORIDE ION'
5 non-polymer 'SULFATE ION'
6 water water
#
_entity_poly.entity_id   1
_entity_poly.type   'polypeptide(L)'
_entity_poly.pdbx_seq_one_letter_code
;MWSHPQFEKASTGREILEKLERREFTREVLKEALSINDRGFNEALFKLADEIRRKYVGDEVHIRAIIEFSNVCRKNCLYC
GLRRDNKNLKRYRMTPEEIVERARLAVQFGAKTIVLQSGEDPYYMPDVISDIVKEIKKMGVAVTLSLGEWPREYYEKWKE
AGADRYLLRHETANPVLHRKLRPDTSFENRLNCLLTLKELGYETGAGSMVGLPGQTIDDLVDDLLFLKEHDFDMVGIGPF
IPHPDTPLANEKKGDFTLTLKMVALTRILLPDSNIPATTAMGTIVPGGREITLRCGANVIMPNWTPSPYRQLYQLYPGKI
CVFEKDTACIPCVMKMIELLGRKPGRDWGGRKRVFETV
;
_entity_poly.pdbx_strand_id   A
#
loop_
_chem_comp.id
_chem_comp.type
_chem_comp.name
_chem_comp.formula
CL non-polymer 'CHLORIDE ION' 'Cl -1'
H2S non-polymer 'HYDROSULFURIC ACID' 'H2 S'
SF4 non-polymer 'IRON/SULFUR CLUSTER' 'Fe4 S4'
SO4 non-polymer 'SULFATE ION' 'O4 S -2'
#
# COMPACT_ATOMS: atom_id res chain seq x y z
N THR A 12 21.65 7.35 -23.25
CA THR A 12 22.02 8.45 -22.37
C THR A 12 20.91 8.63 -21.36
N GLY A 13 21.17 9.38 -20.29
CA GLY A 13 20.13 9.66 -19.31
C GLY A 13 19.00 10.40 -20.03
N ARG A 14 19.39 11.34 -20.87
CA ARG A 14 18.43 12.13 -21.63
C ARG A 14 17.53 11.29 -22.54
N GLU A 15 18.10 10.29 -23.21
CA GLU A 15 17.31 9.49 -24.13
C GLU A 15 16.22 8.59 -23.50
N ILE A 16 16.52 8.03 -22.34
CA ILE A 16 15.58 7.20 -21.58
C ILE A 16 14.36 7.98 -21.10
N LEU A 17 14.57 9.21 -20.65
CA LEU A 17 13.44 9.99 -20.21
C LEU A 17 12.54 10.20 -21.42
N GLU A 18 13.17 10.41 -22.59
CA GLU A 18 12.40 10.59 -23.81
C GLU A 18 11.61 9.32 -24.17
N LYS A 19 12.20 8.14 -24.01
CA LYS A 19 11.47 6.89 -24.30
C LYS A 19 10.31 6.76 -23.31
N LEU A 20 10.52 7.13 -22.05
CA LEU A 20 9.41 7.14 -21.09
C LEU A 20 8.29 8.09 -21.52
N GLU A 21 8.65 9.24 -22.08
CA GLU A 21 7.63 10.16 -22.52
C GLU A 21 6.75 9.63 -23.65
N ARG A 22 7.34 8.88 -24.55
CA ARG A 22 6.62 8.29 -25.67
C ARG A 22 5.97 6.99 -25.26
N ARG A 23 6.10 6.63 -23.99
CA ARG A 23 5.53 5.38 -23.48
C ARG A 23 6.07 4.14 -24.20
N GLU A 24 7.35 4.18 -24.53
CA GLU A 24 8.02 3.05 -25.12
C GLU A 24 8.56 2.27 -23.97
N PHE A 25 7.65 1.56 -23.31
CA PHE A 25 7.94 0.91 -22.03
C PHE A 25 8.52 -0.51 -22.13
N THR A 26 9.67 -0.66 -22.78
CA THR A 26 10.27 -1.97 -22.98
C THR A 26 11.04 -2.39 -21.74
N ARG A 27 11.35 -3.67 -21.64
CA ARG A 27 12.19 -4.16 -20.56
C ARG A 27 13.50 -3.40 -20.55
N GLU A 28 14.07 -3.20 -21.73
CA GLU A 28 15.35 -2.52 -21.86
C GLU A 28 15.27 -1.13 -21.20
N VAL A 29 14.23 -0.37 -21.54
CA VAL A 29 14.08 0.99 -21.04
C VAL A 29 13.89 1.05 -19.54
N LEU A 30 13.04 0.18 -19.01
CA LEU A 30 12.77 0.21 -17.58
C LEU A 30 14.02 -0.18 -16.82
N LYS A 31 14.74 -1.17 -17.32
CA LYS A 31 15.99 -1.59 -16.69
C LYS A 31 17.04 -0.49 -16.66
N GLU A 32 17.22 0.18 -17.80
CA GLU A 32 18.19 1.25 -17.82
C GLU A 32 17.80 2.37 -16.89
N ALA A 33 16.53 2.71 -16.91
CA ALA A 33 16.04 3.78 -16.08
C ALA A 33 16.31 3.44 -14.62
N LEU A 34 16.13 2.18 -14.24
CA LEU A 34 16.38 1.73 -12.86
C LEU A 34 17.86 1.64 -12.53
N SER A 35 18.70 1.59 -13.55
CA SER A 35 20.13 1.42 -13.39
C SER A 35 20.89 2.74 -13.23
N ILE A 36 20.37 3.84 -13.78
CA ILE A 36 21.08 5.10 -13.66
C ILE A 36 20.99 5.68 -12.22
N ASN A 37 22.13 6.05 -11.63
CA ASN A 37 22.13 6.61 -10.27
C ASN A 37 22.46 8.12 -10.26
N ASP A 38 22.44 8.72 -11.45
CA ASP A 38 22.75 10.14 -11.57
C ASP A 38 21.65 10.93 -10.86
N ARG A 39 22.07 11.91 -10.08
CA ARG A 39 21.16 12.74 -9.31
C ARG A 39 20.19 13.51 -10.21
N GLY A 40 20.70 14.08 -11.30
CA GLY A 40 19.87 14.85 -12.22
C GLY A 40 18.78 14.08 -12.94
N PHE A 41 19.12 12.90 -13.40
CA PHE A 41 18.18 12.01 -14.04
C PHE A 41 17.07 11.72 -13.00
N ASN A 42 17.46 11.38 -11.77
CA ASN A 42 16.49 11.04 -10.73
C ASN A 42 15.54 12.20 -10.44
N GLU A 43 16.10 13.40 -10.31
CA GLU A 43 15.27 14.56 -10.05
C GLU A 43 14.27 14.82 -11.20
N ALA A 44 14.73 14.68 -12.45
CA ALA A 44 13.84 14.84 -13.62
C ALA A 44 12.71 13.80 -13.67
N LEU A 45 13.05 12.56 -13.35
CA LEU A 45 12.08 11.47 -13.30
C LEU A 45 11.00 11.78 -12.24
N PHE A 46 11.42 12.25 -11.06
CA PHE A 46 10.45 12.60 -10.03
C PHE A 46 9.57 13.83 -10.45
N LYS A 47 10.17 14.85 -11.08
CA LYS A 47 9.37 15.99 -11.55
C LYS A 47 8.35 15.47 -12.58
N LEU A 48 8.77 14.54 -13.43
CA LEU A 48 7.86 13.94 -14.42
C LEU A 48 6.71 13.18 -13.80
N ALA A 49 7.02 12.32 -12.85
CA ALA A 49 5.99 11.55 -12.22
C ALA A 49 5.03 12.47 -11.52
N ASP A 50 5.59 13.52 -10.90
CA ASP A 50 4.76 14.50 -10.21
C ASP A 50 3.82 15.20 -11.18
N GLU A 51 4.33 15.58 -12.36
CA GLU A 51 3.54 16.30 -13.37
C GLU A 51 2.42 15.42 -13.90
N ILE A 52 2.75 14.15 -14.15
CA ILE A 52 1.73 13.19 -14.54
C ILE A 52 0.66 13.04 -13.45
N ARG A 53 1.09 12.90 -12.21
CA ARG A 53 0.18 12.82 -11.07
C ARG A 53 -0.75 14.09 -11.09
N ARG A 54 -0.19 15.29 -11.15
CA ARG A 54 -1.01 16.52 -11.20
C ARG A 54 -2.03 16.45 -12.33
N LYS A 55 -1.57 16.08 -13.50
CA LYS A 55 -2.48 16.04 -14.61
C LYS A 55 -3.61 14.99 -14.52
N TYR A 56 -3.29 13.78 -14.08
CA TYR A 56 -4.25 12.67 -14.06
C TYR A 56 -5.05 12.44 -12.77
N VAL A 57 -4.44 12.65 -11.61
CA VAL A 57 -5.15 12.38 -10.38
C VAL A 57 -5.33 13.67 -9.57
N GLY A 58 -4.73 14.74 -10.07
CA GLY A 58 -4.97 16.00 -9.45
C GLY A 58 -4.28 16.21 -8.13
N ASP A 59 -4.68 17.26 -7.45
CA ASP A 59 -4.00 17.69 -6.25
C ASP A 59 -4.61 17.19 -4.97
N GLU A 60 -5.70 16.48 -5.09
CA GLU A 60 -6.30 15.94 -3.90
C GLU A 60 -5.43 14.81 -3.38
N VAL A 61 -5.16 14.84 -2.07
CA VAL A 61 -4.50 13.72 -1.39
C VAL A 61 -5.53 13.05 -0.48
N HIS A 62 -5.83 11.81 -0.83
CA HIS A 62 -6.85 11.00 -0.21
C HIS A 62 -6.38 10.28 1.00
N ILE A 63 -7.19 10.33 2.06
CA ILE A 63 -6.86 9.70 3.36
C ILE A 63 -7.57 8.38 3.54
N ARG A 64 -6.79 7.33 3.79
CA ARG A 64 -7.39 6.02 4.05
C ARG A 64 -7.05 5.70 5.47
N ALA A 65 -8.06 5.66 6.31
CA ALA A 65 -7.83 5.42 7.72
C ALA A 65 -7.64 3.90 7.95
N ILE A 66 -6.50 3.50 8.51
CA ILE A 66 -6.27 2.07 8.66
C ILE A 66 -6.54 1.58 10.07
N ILE A 67 -7.35 0.55 10.16
CA ILE A 67 -7.62 -0.06 11.43
C ILE A 67 -7.03 -1.44 11.37
N GLU A 68 -5.97 -1.67 12.16
CA GLU A 68 -5.31 -2.96 12.16
C GLU A 68 -5.96 -3.69 13.30
N PHE A 69 -7.02 -4.42 13.00
CA PHE A 69 -7.98 -4.86 14.04
C PHE A 69 -7.63 -6.21 14.71
N SER A 70 -6.72 -6.94 14.09
CA SER A 70 -6.23 -8.17 14.62
C SER A 70 -4.86 -8.40 14.01
N ASN A 71 -3.94 -8.85 14.86
CA ASN A 71 -2.60 -9.24 14.44
C ASN A 71 -2.31 -10.72 14.51
N VAL A 72 -3.36 -11.52 14.52
CA VAL A 72 -3.24 -12.95 14.39
C VAL A 72 -3.06 -13.31 12.93
N CYS A 73 -2.11 -14.18 12.63
CA CYS A 73 -1.94 -14.67 11.27
C CYS A 73 -1.63 -16.15 11.29
N ARG A 74 -2.25 -16.86 10.36
CA ARG A 74 -2.06 -18.29 10.09
C ARG A 74 -0.91 -18.68 9.19
N LYS A 75 -0.40 -17.69 8.48
CA LYS A 75 0.66 -17.90 7.52
C LYS A 75 1.97 -17.60 8.22
N ASN A 76 3.07 -17.88 7.54
CA ASN A 76 4.39 -17.80 8.11
C ASN A 76 5.42 -17.04 7.25
N CYS A 77 4.97 -15.98 6.58
CA CYS A 77 5.85 -15.21 5.72
C CYS A 77 7.13 -14.79 6.42
N LEU A 78 8.25 -14.93 5.74
CA LEU A 78 9.53 -14.77 6.40
C LEU A 78 9.90 -13.32 6.79
N TYR A 79 9.34 -12.31 6.08
CA TYR A 79 9.71 -10.90 6.29
C TYR A 79 8.87 -10.30 7.38
N CYS A 80 7.79 -10.99 7.75
CA CYS A 80 6.71 -10.32 8.45
C CYS A 80 6.70 -10.57 9.95
N GLY A 81 6.63 -9.47 10.69
CA GLY A 81 6.53 -9.53 12.12
C GLY A 81 5.30 -10.24 12.61
N LEU A 82 4.28 -10.38 11.76
CA LEU A 82 3.08 -11.08 12.16
C LEU A 82 3.09 -12.59 11.91
N ARG A 83 4.17 -13.09 11.36
CA ARG A 83 4.23 -14.51 11.00
C ARG A 83 3.87 -15.40 12.18
N ARG A 84 3.26 -16.54 11.90
CA ARG A 84 2.78 -17.38 12.99
C ARG A 84 3.87 -17.83 13.97
N ASP A 85 5.12 -18.05 13.51
CA ASP A 85 6.23 -18.52 14.38
C ASP A 85 6.81 -17.46 15.33
N ASN A 86 6.35 -16.22 15.20
CA ASN A 86 6.87 -15.15 16.05
C ASN A 86 6.14 -15.19 17.39
N LYS A 87 6.82 -15.76 18.39
CA LYS A 87 6.25 -15.79 19.74
C LYS A 87 6.48 -14.50 20.54
N ASN A 88 7.33 -13.62 20.06
CA ASN A 88 7.65 -12.42 20.82
C ASN A 88 6.74 -11.27 20.44
N LEU A 89 5.47 -11.59 20.21
CA LEU A 89 4.47 -10.62 19.76
C LEU A 89 3.20 -10.87 20.55
N LYS A 90 2.72 -9.80 21.18
CA LYS A 90 1.40 -9.78 21.82
C LYS A 90 0.31 -9.77 20.79
N ARG A 91 -0.47 -10.86 20.77
CA ARG A 91 -1.53 -10.95 19.81
C ARG A 91 -2.84 -10.38 20.34
N TYR A 92 -3.58 -9.74 19.46
CA TYR A 92 -4.86 -9.18 19.85
C TYR A 92 -5.92 -9.34 18.78
N ARG A 93 -7.17 -9.21 19.22
CA ARG A 93 -8.31 -9.14 18.36
C ARG A 93 -9.27 -8.14 18.94
N MET A 94 -9.57 -7.14 18.14
CA MET A 94 -10.64 -6.22 18.45
C MET A 94 -12.01 -6.88 18.24
N THR A 95 -12.97 -6.53 19.09
CA THR A 95 -14.32 -7.01 18.88
C THR A 95 -14.89 -6.26 17.67
N PRO A 96 -15.89 -6.84 17.02
CA PRO A 96 -16.57 -6.17 15.89
C PRO A 96 -17.12 -4.80 16.22
N GLU A 97 -17.74 -4.72 17.40
CA GLU A 97 -18.34 -3.51 17.93
C GLU A 97 -17.27 -2.43 18.12
N GLU A 98 -16.11 -2.83 18.66
CA GLU A 98 -14.98 -1.93 18.87
C GLU A 98 -14.59 -1.34 17.51
N ILE A 99 -14.64 -2.23 16.52
CA ILE A 99 -14.23 -1.82 15.19
C ILE A 99 -15.20 -0.83 14.56
N VAL A 100 -16.50 -1.14 14.61
CA VAL A 100 -17.51 -0.28 14.02
C VAL A 100 -17.43 1.06 14.68
N GLU A 101 -17.32 1.06 16.00
CA GLU A 101 -17.32 2.32 16.70
C GLU A 101 -16.07 3.16 16.43
N ARG A 102 -14.94 2.50 16.23
CA ARG A 102 -13.69 3.17 15.87
C ARG A 102 -13.75 3.81 14.52
N ALA A 103 -14.35 3.06 13.60
CA ALA A 103 -14.64 3.59 12.29
C ALA A 103 -15.54 4.80 12.41
N ARG A 104 -16.57 4.72 13.23
CA ARG A 104 -17.48 5.85 13.38
C ARG A 104 -16.72 7.07 13.85
N LEU A 105 -15.80 6.85 14.78
CA LEU A 105 -14.95 7.92 15.28
C LEU A 105 -14.09 8.50 14.15
N ALA A 106 -13.56 7.63 13.29
CA ALA A 106 -12.81 8.08 12.12
C ALA A 106 -13.63 8.96 11.18
N VAL A 107 -14.85 8.50 10.92
CA VAL A 107 -15.79 9.23 10.07
C VAL A 107 -16.12 10.60 10.67
N GLN A 108 -16.25 10.63 12.00
CA GLN A 108 -16.45 11.88 12.70
C GLN A 108 -15.23 12.76 12.49
N PHE A 109 -14.05 12.15 12.34
CA PHE A 109 -12.83 12.92 12.10
C PHE A 109 -12.59 13.27 10.65
N GLY A 110 -13.48 12.83 9.77
CA GLY A 110 -13.39 13.20 8.38
C GLY A 110 -12.92 12.16 7.38
N ALA A 111 -12.61 10.95 7.83
CA ALA A 111 -12.12 9.91 6.91
C ALA A 111 -13.20 9.52 5.91
N LYS A 112 -12.84 9.44 4.63
CA LYS A 112 -13.81 9.03 3.61
C LYS A 112 -13.61 7.59 3.14
N THR A 113 -12.48 7.01 3.51
CA THR A 113 -12.25 5.60 3.29
C THR A 113 -11.78 5.00 4.60
N ILE A 114 -12.35 3.87 4.94
CA ILE A 114 -11.86 3.11 6.05
C ILE A 114 -11.21 1.82 5.54
N VAL A 115 -9.96 1.58 5.93
CA VAL A 115 -9.31 0.30 5.62
C VAL A 115 -9.31 -0.62 6.81
N LEU A 116 -9.84 -1.81 6.59
CA LEU A 116 -9.75 -2.82 7.62
C LEU A 116 -8.68 -3.81 7.19
N GLN A 117 -7.63 -3.87 7.98
CA GLN A 117 -6.48 -4.73 7.67
C GLN A 117 -6.11 -5.71 8.80
N SER A 118 -5.60 -6.87 8.43
CA SER A 118 -5.13 -7.83 9.43
C SER A 118 -4.15 -8.79 8.83
N GLY A 119 -3.52 -9.55 9.73
CA GLY A 119 -2.93 -10.84 9.40
C GLY A 119 -4.05 -11.73 8.90
N GLU A 120 -3.73 -12.87 8.30
CA GLU A 120 -4.80 -13.79 7.91
C GLU A 120 -5.43 -14.56 9.09
N ASP A 121 -6.38 -13.92 9.77
CA ASP A 121 -7.02 -14.44 10.99
C ASP A 121 -8.42 -15.01 10.73
N PRO A 122 -8.60 -16.35 10.78
CA PRO A 122 -9.83 -17.12 10.46
C PRO A 122 -11.04 -16.65 11.29
N TYR A 123 -10.79 -16.08 12.46
CA TYR A 123 -11.81 -15.85 13.48
C TYR A 123 -12.98 -14.99 13.00
N TYR A 124 -12.61 -14.09 12.09
CA TYR A 124 -13.46 -13.03 11.55
C TYR A 124 -14.17 -13.43 10.24
N MET A 125 -13.69 -14.53 9.69
CA MET A 125 -13.97 -14.92 8.32
C MET A 125 -15.03 -16.01 8.10
N PRO A 126 -16.01 -15.76 7.22
CA PRO A 126 -16.27 -14.53 6.46
C PRO A 126 -17.32 -13.62 7.09
N ASP A 127 -18.14 -14.15 7.98
CA ASP A 127 -19.41 -13.50 8.31
C ASP A 127 -19.19 -12.28 9.19
N VAL A 128 -18.18 -12.33 10.04
CA VAL A 128 -17.92 -11.21 10.92
C VAL A 128 -17.46 -10.00 10.10
N ILE A 129 -16.60 -10.28 9.14
CA ILE A 129 -16.24 -9.26 8.18
C ILE A 129 -17.46 -8.70 7.46
N SER A 130 -18.30 -9.57 6.92
CA SER A 130 -19.47 -9.06 6.21
C SER A 130 -20.37 -8.14 7.03
N ASP A 131 -20.67 -8.56 8.26
CA ASP A 131 -21.55 -7.75 9.11
C ASP A 131 -20.89 -6.40 9.40
N ILE A 132 -19.58 -6.43 9.69
CA ILE A 132 -18.84 -5.18 9.97
C ILE A 132 -18.86 -4.22 8.78
N VAL A 133 -18.55 -4.77 7.60
CA VAL A 133 -18.51 -3.98 6.39
C VAL A 133 -19.88 -3.36 6.10
N LYS A 134 -20.94 -4.16 6.23
CA LYS A 134 -22.30 -3.67 6.01
C LYS A 134 -22.56 -2.45 6.90
N GLU A 135 -22.14 -2.61 8.16
CA GLU A 135 -22.33 -1.56 9.17
C GLU A 135 -21.56 -0.27 8.83
N ILE A 136 -20.32 -0.39 8.40
CA ILE A 136 -19.56 0.81 8.04
C ILE A 136 -20.15 1.44 6.79
N LYS A 137 -20.59 0.63 5.84
CA LYS A 137 -21.18 1.19 4.64
C LYS A 137 -22.43 2.00 4.96
N LYS A 138 -23.10 1.66 6.06
CA LYS A 138 -24.25 2.49 6.46
C LYS A 138 -23.71 3.90 6.77
N MET A 139 -22.42 4.01 7.08
CA MET A 139 -21.82 5.30 7.42
C MET A 139 -21.45 6.17 6.24
N GLY A 140 -21.69 5.68 5.03
CA GLY A 140 -21.52 6.48 3.83
C GLY A 140 -20.08 6.75 3.39
N VAL A 141 -19.19 5.80 3.65
CA VAL A 141 -17.79 5.97 3.30
C VAL A 141 -17.41 4.81 2.38
N ALA A 142 -16.26 4.91 1.73
CA ALA A 142 -15.70 3.79 0.96
C ALA A 142 -15.14 2.75 1.92
N VAL A 143 -15.20 1.47 1.55
CA VAL A 143 -14.54 0.45 2.37
C VAL A 143 -13.46 -0.37 1.64
N THR A 144 -12.27 -0.40 2.22
CA THR A 144 -11.17 -1.20 1.70
C THR A 144 -10.77 -2.33 2.63
N LEU A 145 -10.63 -3.53 2.08
CA LEU A 145 -10.19 -4.65 2.88
C LEU A 145 -8.76 -5.06 2.53
N SER A 146 -8.02 -5.46 3.55
CA SER A 146 -6.67 -5.99 3.38
C SER A 146 -6.47 -7.14 4.34
N LEU A 147 -7.04 -8.28 3.96
CA LEU A 147 -7.17 -9.43 4.81
C LEU A 147 -6.34 -10.64 4.36
N GLY A 148 -5.62 -10.53 3.25
CA GLY A 148 -4.86 -11.66 2.73
C GLY A 148 -5.56 -12.52 1.70
N GLU A 149 -5.11 -13.76 1.56
CA GLU A 149 -5.58 -14.67 0.54
C GLU A 149 -6.75 -15.53 1.08
N TRP A 150 -7.87 -15.50 0.39
CA TRP A 150 -8.99 -16.33 0.82
C TRP A 150 -9.68 -16.89 -0.40
N PRO A 151 -10.55 -17.89 -0.18
CA PRO A 151 -11.34 -18.48 -1.25
C PRO A 151 -12.16 -17.42 -1.91
N ARG A 152 -12.48 -17.71 -3.16
CA ARG A 152 -13.33 -16.85 -3.96
C ARG A 152 -14.64 -16.57 -3.24
N GLU A 153 -15.17 -17.56 -2.52
CA GLU A 153 -16.46 -17.38 -1.87
C GLU A 153 -16.46 -16.23 -0.84
N TYR A 154 -15.33 -16.05 -0.16
CA TYR A 154 -15.22 -14.97 0.81
C TYR A 154 -15.16 -13.59 0.13
N TYR A 155 -14.35 -13.48 -0.92
CA TYR A 155 -14.34 -12.26 -1.70
C TYR A 155 -15.72 -11.91 -2.25
N GLU A 156 -16.50 -12.92 -2.68
CA GLU A 156 -17.83 -12.67 -3.19
CA GLU A 156 -17.83 -12.62 -3.22
C GLU A 156 -18.71 -12.07 -2.08
N LYS A 157 -18.70 -12.74 -0.90
CA LYS A 157 -19.57 -12.26 0.20
C LYS A 157 -19.19 -10.86 0.62
N TRP A 158 -17.89 -10.53 0.62
CA TRP A 158 -17.50 -9.20 1.04
C TRP A 158 -17.82 -8.19 -0.04
N LYS A 159 -17.79 -8.59 -1.31
CA LYS A 159 -18.20 -7.64 -2.34
C LYS A 159 -19.67 -7.32 -2.30
N GLU A 160 -20.49 -8.33 -2.15
CA GLU A 160 -21.92 -8.17 -2.05
C GLU A 160 -22.24 -7.41 -0.76
N ALA A 161 -21.42 -7.59 0.27
CA ALA A 161 -21.59 -6.89 1.54
C ALA A 161 -21.32 -5.41 1.40
N GLY A 162 -20.64 -5.03 0.34
CA GLY A 162 -20.52 -3.64 0.04
C GLY A 162 -19.13 -3.10 0.01
N ALA A 163 -18.14 -3.98 0.17
CA ALA A 163 -16.76 -3.52 0.14
C ALA A 163 -16.44 -2.91 -1.21
N ASP A 164 -15.70 -1.83 -1.22
CA ASP A 164 -15.40 -1.13 -2.45
C ASP A 164 -14.04 -1.57 -3.04
N ARG A 165 -13.04 -1.73 -2.17
CA ARG A 165 -11.65 -1.96 -2.59
C ARG A 165 -11.00 -3.03 -1.76
N TYR A 166 -9.93 -3.63 -2.29
CA TYR A 166 -9.16 -4.67 -1.62
C TYR A 166 -7.67 -4.53 -1.97
N LEU A 167 -6.81 -4.48 -0.95
CA LEU A 167 -5.35 -4.45 -1.12
C LEU A 167 -4.76 -5.82 -0.87
N LEU A 168 -4.01 -6.27 -1.84
CA LEU A 168 -3.39 -7.56 -1.69
C LEU A 168 -2.10 -7.38 -2.44
N ARG A 169 -1.11 -6.76 -1.76
CA ARG A 169 0.19 -6.46 -2.37
C ARG A 169 0.75 -7.74 -2.94
N HIS A 170 1.32 -7.74 -4.14
CA HIS A 170 1.92 -9.00 -4.61
C HIS A 170 3.30 -9.31 -4.04
N GLU A 171 3.94 -8.29 -3.48
CA GLU A 171 5.23 -8.39 -2.75
C GLU A 171 6.42 -8.66 -3.70
N THR A 172 6.37 -9.72 -4.51
CA THR A 172 7.38 -9.95 -5.56
C THR A 172 6.86 -10.83 -6.67
N ALA A 173 7.18 -10.47 -7.91
CA ALA A 173 6.73 -11.27 -9.04
C ALA A 173 7.68 -12.41 -9.44
N ASN A 174 8.78 -12.58 -8.74
CA ASN A 174 9.70 -13.69 -9.03
C ASN A 174 9.14 -14.92 -8.27
N PRO A 175 8.63 -15.94 -8.96
CA PRO A 175 7.88 -16.99 -8.26
C PRO A 175 8.66 -17.82 -7.23
N VAL A 176 9.95 -18.01 -7.49
CA VAL A 176 10.84 -18.77 -6.63
C VAL A 176 11.04 -17.99 -5.35
N LEU A 177 11.33 -16.69 -5.53
CA LEU A 177 11.48 -15.81 -4.39
C LEU A 177 10.21 -15.69 -3.60
N HIS A 178 9.07 -15.64 -4.29
CA HIS A 178 7.83 -15.55 -3.57
C HIS A 178 7.63 -16.81 -2.71
N ARG A 179 7.90 -17.99 -3.29
CA ARG A 179 7.61 -19.23 -2.59
C ARG A 179 8.58 -19.42 -1.44
N LYS A 180 9.85 -19.02 -1.60
CA LYS A 180 10.79 -19.11 -0.48
C LYS A 180 10.32 -18.13 0.62
N LEU A 181 9.87 -16.93 0.27
CA LEU A 181 9.46 -15.97 1.30
C LEU A 181 8.05 -16.21 1.91
N ARG A 182 7.19 -16.94 1.20
CA ARG A 182 5.80 -17.10 1.63
C ARG A 182 5.44 -18.56 1.42
N PRO A 183 5.98 -19.43 2.25
CA PRO A 183 6.00 -20.87 2.00
C PRO A 183 4.63 -21.48 2.14
N ASP A 184 3.67 -20.67 2.58
CA ASP A 184 2.30 -21.16 2.65
C ASP A 184 1.58 -21.15 1.34
N THR A 185 2.18 -20.48 0.38
CA THR A 185 1.49 -20.10 -0.83
C THR A 185 2.45 -20.00 -2.00
N SER A 186 2.10 -19.22 -2.99
CA SER A 186 2.85 -19.19 -4.23
C SER A 186 2.51 -17.88 -4.88
N PHE A 187 3.33 -17.44 -5.81
CA PHE A 187 2.93 -16.32 -6.63
C PHE A 187 1.68 -16.67 -7.45
N GLU A 188 1.60 -17.89 -7.97
CA GLU A 188 0.44 -18.29 -8.76
C GLU A 188 -0.84 -18.08 -7.96
N ASN A 189 -0.83 -18.48 -6.69
CA ASN A 189 -2.02 -18.32 -5.86
C ASN A 189 -2.37 -16.83 -5.67
N ARG A 190 -1.34 -16.04 -5.41
CA ARG A 190 -1.50 -14.60 -5.22
C ARG A 190 -2.11 -13.95 -6.48
N LEU A 191 -1.60 -14.34 -7.63
CA LEU A 191 -2.13 -13.84 -8.88
C LEU A 191 -3.59 -14.25 -9.03
N ASN A 192 -3.94 -15.50 -8.74
CA ASN A 192 -5.34 -15.87 -8.85
C ASN A 192 -6.25 -15.04 -7.93
N CYS A 193 -5.80 -14.76 -6.71
CA CYS A 193 -6.60 -13.88 -5.83
C CYS A 193 -6.78 -12.47 -6.43
N LEU A 194 -5.71 -11.88 -6.93
CA LEU A 194 -5.78 -10.55 -7.54
C LEU A 194 -6.74 -10.54 -8.73
N LEU A 195 -6.64 -11.58 -9.55
CA LEU A 195 -7.51 -11.71 -10.70
C LEU A 195 -8.97 -11.83 -10.37
N THR A 196 -9.21 -12.63 -9.35
CA THR A 196 -10.53 -12.82 -8.85
C THR A 196 -11.12 -11.51 -8.34
N LEU A 197 -10.32 -10.82 -7.54
CA LEU A 197 -10.76 -9.55 -6.99
C LEU A 197 -11.11 -8.56 -8.10
N LYS A 198 -10.26 -8.47 -9.12
CA LYS A 198 -10.56 -7.58 -10.25
C LYS A 198 -11.87 -7.97 -10.98
N GLU A 199 -12.01 -9.26 -11.28
CA GLU A 199 -13.20 -9.74 -11.97
C GLU A 199 -14.51 -9.49 -11.16
N LEU A 200 -14.45 -9.57 -9.84
CA LEU A 200 -15.63 -9.31 -9.00
C LEU A 200 -15.94 -7.83 -8.82
N GLY A 201 -15.10 -6.93 -9.30
CA GLY A 201 -15.45 -5.52 -9.30
C GLY A 201 -14.87 -4.71 -8.19
N TYR A 202 -13.95 -5.29 -7.42
CA TYR A 202 -13.20 -4.53 -6.40
C TYR A 202 -12.31 -3.55 -7.10
N GLU A 203 -12.13 -2.42 -6.46
CA GLU A 203 -10.97 -1.63 -6.76
C GLU A 203 -9.86 -2.47 -6.18
N THR A 204 -8.85 -2.71 -7.01
CA THR A 204 -7.82 -3.72 -6.71
C THR A 204 -6.41 -3.18 -6.60
N GLY A 205 -5.80 -3.41 -5.44
CA GLY A 205 -4.45 -2.95 -5.22
C GLY A 205 -3.40 -4.04 -5.11
N ALA A 206 -2.31 -3.82 -5.85
CA ALA A 206 -1.17 -4.71 -5.80
C ALA A 206 0.04 -3.97 -5.31
N GLY A 207 1.25 -4.45 -5.63
CA GLY A 207 2.48 -3.80 -5.21
C GLY A 207 3.50 -4.70 -4.54
N SER A 208 4.70 -4.16 -4.30
CA SER A 208 5.82 -5.00 -3.90
C SER A 208 6.69 -4.26 -2.94
N MET A 209 7.54 -5.04 -2.29
CA MET A 209 8.59 -4.48 -1.50
C MET A 209 9.82 -4.43 -2.37
N VAL A 210 10.66 -3.43 -2.14
CA VAL A 210 11.88 -3.25 -2.92
C VAL A 210 13.15 -3.46 -2.07
N GLY A 211 14.11 -4.25 -2.54
CA GLY A 211 15.31 -4.46 -1.77
C GLY A 211 15.23 -5.70 -0.90
N LEU A 212 14.29 -6.56 -1.24
CA LEU A 212 14.20 -7.87 -0.63
C LEU A 212 15.51 -8.64 -0.84
N PRO A 213 15.85 -9.53 0.10
CA PRO A 213 17.08 -10.31 -0.16
C PRO A 213 16.96 -11.17 -1.43
N GLY A 214 17.97 -11.13 -2.29
CA GLY A 214 17.93 -11.90 -3.52
C GLY A 214 17.21 -11.23 -4.67
N GLN A 215 16.57 -10.10 -4.42
CA GLN A 215 15.84 -9.42 -5.48
C GLN A 215 16.84 -8.60 -6.30
N THR A 216 16.71 -8.68 -7.61
CA THR A 216 17.61 -7.98 -8.53
C THR A 216 16.82 -6.85 -9.18
N ILE A 217 17.52 -6.00 -9.88
CA ILE A 217 16.86 -4.99 -10.70
C ILE A 217 15.88 -5.62 -11.67
N ASP A 218 16.29 -6.73 -12.27
CA ASP A 218 15.46 -7.45 -13.23
C ASP A 218 14.12 -7.90 -12.67
N ASP A 219 14.14 -8.32 -11.43
CA ASP A 219 12.94 -8.62 -10.70
C ASP A 219 12.04 -7.40 -10.52
N LEU A 220 12.63 -6.25 -10.22
CA LEU A 220 11.90 -4.98 -10.15
C LEU A 220 11.26 -4.60 -11.49
N VAL A 221 12.02 -4.84 -12.57
CA VAL A 221 11.48 -4.64 -13.90
C VAL A 221 10.22 -5.50 -14.10
N ASP A 222 10.33 -6.77 -13.70
CA ASP A 222 9.23 -7.71 -13.79
C ASP A 222 8.02 -7.29 -12.97
N ASP A 223 8.29 -6.71 -11.79
CA ASP A 223 7.22 -6.17 -10.95
C ASP A 223 6.48 -5.04 -11.68
N LEU A 224 7.24 -4.11 -12.24
CA LEU A 224 6.65 -3.03 -13.04
C LEU A 224 5.81 -3.50 -14.23
N LEU A 225 6.37 -4.44 -14.97
CA LEU A 225 5.68 -4.99 -16.14
C LEU A 225 4.42 -5.70 -15.74
N PHE A 226 4.48 -6.37 -14.61
CA PHE A 226 3.34 -6.99 -13.98
C PHE A 226 2.19 -6.04 -13.65
N LEU A 227 2.57 -4.96 -12.98
CA LEU A 227 1.63 -3.93 -12.62
C LEU A 227 0.98 -3.34 -13.85
N LYS A 228 1.80 -3.07 -14.85
CA LYS A 228 1.28 -2.52 -16.08
C LYS A 228 0.33 -3.48 -16.77
N GLU A 229 0.75 -4.75 -16.84
CA GLU A 229 -0.01 -5.81 -17.53
C GLU A 229 -1.43 -5.83 -16.95
N HIS A 230 -1.54 -5.82 -15.62
CA HIS A 230 -2.85 -6.02 -14.98
C HIS A 230 -3.64 -4.76 -14.68
N ASP A 231 -3.01 -3.59 -14.81
CA ASP A 231 -3.73 -2.33 -14.66
C ASP A 231 -4.42 -2.17 -13.32
N PHE A 232 -3.67 -2.41 -12.25
CA PHE A 232 -4.26 -2.41 -10.92
C PHE A 232 -4.73 -1.02 -10.61
N ASP A 233 -5.78 -0.93 -9.81
CA ASP A 233 -6.34 0.34 -9.38
C ASP A 233 -5.45 1.08 -8.40
N MET A 234 -4.74 0.31 -7.57
CA MET A 234 -3.84 0.83 -6.56
CA MET A 234 -3.83 0.84 -6.56
C MET A 234 -2.53 0.08 -6.56
N VAL A 235 -1.46 0.75 -6.17
CA VAL A 235 -0.18 0.10 -6.12
C VAL A 235 0.52 0.58 -4.85
N GLY A 236 0.76 -0.39 -3.94
CA GLY A 236 1.44 -0.12 -2.69
C GLY A 236 2.86 -0.59 -2.81
N ILE A 237 3.78 0.34 -2.63
CA ILE A 237 5.20 0.07 -2.77
C ILE A 237 5.94 0.60 -1.55
N GLY A 238 6.85 -0.19 -1.00
CA GLY A 238 7.70 0.32 0.06
C GLY A 238 9.02 -0.38 0.06
N PRO A 239 9.99 0.17 0.81
CA PRO A 239 11.29 -0.50 0.91
C PRO A 239 11.11 -1.71 1.86
N PHE A 240 11.84 -2.78 1.64
CA PHE A 240 11.94 -3.80 2.67
C PHE A 240 12.68 -3.30 3.92
N ILE A 241 12.04 -3.53 5.07
CA ILE A 241 12.54 -3.21 6.41
C ILE A 241 12.64 -4.44 7.30
N PRO A 242 13.85 -4.86 7.65
CA PRO A 242 13.99 -6.08 8.42
C PRO A 242 13.20 -6.03 9.70
N HIS A 243 12.63 -7.15 10.09
CA HIS A 243 11.92 -7.18 11.33
C HIS A 243 12.71 -8.10 12.27
N PRO A 244 12.98 -7.61 13.49
CA PRO A 244 13.90 -8.35 14.35
C PRO A 244 13.41 -9.70 14.79
N ASP A 245 12.12 -9.92 14.80
CA ASP A 245 11.59 -11.21 15.24
C ASP A 245 11.25 -12.15 14.10
N THR A 246 12.04 -12.06 13.05
CA THR A 246 11.86 -12.85 11.83
C THR A 246 13.22 -13.35 11.35
N PRO A 247 13.21 -14.32 10.41
CA PRO A 247 14.47 -14.83 9.85
C PRO A 247 15.26 -13.83 9.01
N LEU A 248 14.63 -12.71 8.67
CA LEU A 248 15.28 -11.67 7.86
C LEU A 248 15.78 -10.48 8.69
N ALA A 249 15.88 -10.67 10.00
CA ALA A 249 16.31 -9.61 10.90
C ALA A 249 17.61 -8.98 10.44
N ASN A 250 18.50 -9.84 9.96
CA ASN A 250 19.84 -9.42 9.61
C ASN A 250 20.16 -9.04 8.18
N GLU A 251 19.13 -8.94 7.37
CA GLU A 251 19.34 -8.64 5.96
C GLU A 251 19.35 -7.10 5.83
N LYS A 252 19.92 -6.61 4.72
CA LYS A 252 20.04 -5.19 4.47
C LYS A 252 18.71 -4.52 4.12
N LYS A 253 18.50 -3.28 4.56
CA LYS A 253 17.30 -2.56 4.12
C LYS A 253 17.29 -2.20 2.66
N GLY A 254 16.09 -2.09 2.13
CA GLY A 254 15.86 -1.55 0.81
C GLY A 254 16.30 -0.09 0.77
N ASP A 255 16.82 0.37 -0.37
CA ASP A 255 17.25 1.77 -0.56
C ASP A 255 16.10 2.68 -0.83
N PHE A 256 16.08 3.81 -0.15
CA PHE A 256 15.02 4.77 -0.36
C PHE A 256 14.94 5.29 -1.78
N THR A 257 16.06 5.73 -2.38
CA THR A 257 15.98 6.31 -3.73
C THR A 257 15.44 5.30 -4.74
N LEU A 258 15.90 4.07 -4.63
CA LEU A 258 15.41 3.07 -5.55
C LEU A 258 13.88 2.84 -5.42
N THR A 259 13.40 2.75 -4.20
CA THR A 259 11.98 2.58 -3.97
C THR A 259 11.20 3.77 -4.48
N LEU A 260 11.72 4.96 -4.21
CA LEU A 260 11.10 6.19 -4.67
C LEU A 260 10.98 6.19 -6.19
N LYS A 261 12.01 5.69 -6.84
CA LYS A 261 11.99 5.53 -8.27
C LYS A 261 10.91 4.55 -8.74
N MET A 262 10.71 3.48 -7.97
CA MET A 262 9.61 2.55 -8.29
C MET A 262 8.28 3.25 -8.21
N VAL A 263 8.10 4.07 -7.19
CA VAL A 263 6.88 4.83 -7.09
C VAL A 263 6.70 5.78 -8.28
N ALA A 264 7.78 6.46 -8.66
CA ALA A 264 7.66 7.39 -9.79
C ALA A 264 7.25 6.69 -11.11
N LEU A 265 7.94 5.57 -11.35
CA LEU A 265 7.72 4.74 -12.52
C LEU A 265 6.31 4.13 -12.53
N THR A 266 5.85 3.79 -11.33
CA THR A 266 4.51 3.30 -11.18
C THR A 266 3.51 4.36 -11.58
N ARG A 267 3.74 5.62 -11.17
CA ARG A 267 2.84 6.69 -11.59
C ARG A 267 2.89 6.83 -13.11
N ILE A 268 4.08 6.78 -13.69
CA ILE A 268 4.24 6.89 -15.15
C ILE A 268 3.54 5.81 -15.98
N LEU A 269 3.60 4.58 -15.51
CA LEU A 269 3.02 3.42 -16.13
C LEU A 269 1.49 3.38 -15.99
N LEU A 270 1.04 3.81 -14.82
CA LEU A 270 -0.34 3.77 -14.41
C LEU A 270 -0.84 5.14 -13.99
N PRO A 271 -1.00 6.04 -14.97
CA PRO A 271 -1.15 7.45 -14.61
C PRO A 271 -2.41 7.85 -13.83
N ASP A 272 -3.51 7.13 -13.94
CA ASP A 272 -4.71 7.51 -13.20
C ASP A 272 -4.96 6.66 -11.96
N SER A 273 -3.95 5.90 -11.55
CA SER A 273 -4.09 5.01 -10.41
C SER A 273 -3.89 5.69 -9.08
N ASN A 274 -4.29 4.99 -8.02
CA ASN A 274 -4.02 5.48 -6.67
C ASN A 274 -2.78 4.89 -6.06
N ILE A 275 -1.86 5.76 -5.67
CA ILE A 275 -0.54 5.34 -5.23
C ILE A 275 -0.30 6.04 -3.90
N PRO A 276 -0.22 5.24 -2.84
CA PRO A 276 0.07 5.69 -1.49
C PRO A 276 1.51 5.97 -1.29
N ALA A 277 1.73 6.89 -0.37
CA ALA A 277 2.99 7.15 0.29
C ALA A 277 2.97 6.28 1.52
N THR A 278 3.63 5.16 1.42
CA THR A 278 3.51 4.14 2.45
C THR A 278 4.23 4.58 3.73
N THR A 279 3.79 4.05 4.86
CA THR A 279 4.44 4.33 6.14
C THR A 279 5.95 3.94 6.22
N ALA A 280 6.33 2.87 5.51
CA ALA A 280 7.73 2.43 5.48
C ALA A 280 8.63 3.51 4.91
N MET A 281 8.06 4.22 3.93
CA MET A 281 8.76 5.32 3.32
C MET A 281 9.08 6.42 4.32
N GLY A 282 8.15 6.68 5.22
CA GLY A 282 8.38 7.68 6.24
C GLY A 282 9.26 7.17 7.35
N THR A 283 9.43 5.85 7.35
CA THR A 283 10.28 5.24 8.35
C THR A 283 11.76 5.28 7.98
N ILE A 284 12.11 5.03 6.72
CA ILE A 284 13.54 5.05 6.38
C ILE A 284 14.23 6.43 6.17
N VAL A 285 13.44 7.45 5.83
CA VAL A 285 13.95 8.79 5.56
C VAL A 285 13.00 9.81 6.19
N PRO A 286 13.56 10.73 6.98
CA PRO A 286 12.73 11.81 7.54
C PRO A 286 12.05 12.64 6.47
N GLY A 287 10.73 12.78 6.60
CA GLY A 287 9.97 13.48 5.60
C GLY A 287 9.71 12.56 4.43
N GLY A 288 9.96 11.26 4.60
CA GLY A 288 9.79 10.35 3.48
C GLY A 288 8.39 10.26 2.86
N ARG A 289 7.37 10.38 3.69
CA ARG A 289 6.05 10.32 3.11
C ARG A 289 5.78 11.51 2.20
N GLU A 290 6.17 12.68 2.69
CA GLU A 290 5.99 13.96 2.00
C GLU A 290 6.74 13.99 0.70
N ILE A 291 7.96 13.50 0.80
CA ILE A 291 8.79 13.35 -0.37
C ILE A 291 8.09 12.48 -1.41
N THR A 292 7.52 11.35 -0.98
CA THR A 292 6.90 10.46 -1.95
C THR A 292 5.72 11.17 -2.65
N LEU A 293 4.97 11.92 -1.84
CA LEU A 293 3.85 12.72 -2.33
C LEU A 293 4.22 13.81 -3.32
N ARG A 294 5.50 14.18 -3.32
CA ARG A 294 5.92 15.17 -4.30
C ARG A 294 6.61 14.48 -5.47
N CYS A 295 6.51 13.16 -5.49
CA CYS A 295 7.14 12.33 -6.53
C CYS A 295 6.25 11.31 -7.24
N GLY A 296 4.94 11.48 -7.20
CA GLY A 296 4.07 10.59 -7.95
C GLY A 296 2.90 10.09 -7.14
N ALA A 297 3.06 10.08 -5.83
CA ALA A 297 2.05 9.56 -4.94
C ALA A 297 0.94 10.56 -4.76
N ASN A 298 -0.24 10.04 -4.42
CA ASN A 298 -1.45 10.86 -4.22
C ASN A 298 -2.40 10.42 -3.11
N VAL A 299 -1.96 9.45 -2.27
CA VAL A 299 -2.72 8.87 -1.15
C VAL A 299 -1.88 8.76 0.11
N ILE A 300 -2.49 8.86 1.29
CA ILE A 300 -1.74 8.59 2.51
C ILE A 300 -2.61 7.77 3.48
N MET A 301 -1.97 6.86 4.25
CA MET A 301 -2.72 5.94 5.10
CA MET A 301 -2.75 5.96 5.11
C MET A 301 -2.38 5.97 6.61
N PRO A 302 -2.92 6.94 7.34
CA PRO A 302 -2.67 7.05 8.77
C PRO A 302 -3.19 5.88 9.61
N ASN A 303 -2.38 5.51 10.59
CA ASN A 303 -2.72 4.48 11.50
C ASN A 303 -3.84 5.01 12.38
N TRP A 304 -4.91 4.23 12.44
CA TRP A 304 -6.09 4.49 13.23
C TRP A 304 -6.44 3.42 14.22
N THR A 305 -5.46 2.56 14.47
CA THR A 305 -5.61 1.50 15.44
C THR A 305 -5.53 2.11 16.82
N PRO A 306 -6.46 1.75 17.69
CA PRO A 306 -6.47 2.28 19.06
C PRO A 306 -5.46 1.62 19.98
N SER A 307 -5.08 2.36 21.02
CA SER A 307 -4.42 1.77 22.15
C SER A 307 -5.41 0.82 22.78
N PRO A 308 -4.90 -0.24 23.40
CA PRO A 308 -3.53 -0.66 23.72
C PRO A 308 -2.93 -1.54 22.65
N TYR A 309 -3.57 -1.58 21.49
CA TYR A 309 -3.15 -2.48 20.44
C TYR A 309 -2.03 -1.76 19.79
N ARG A 310 -2.08 -0.44 19.85
CA ARG A 310 -1.09 0.36 19.19
C ARG A 310 -0.38 1.14 20.25
N GLN A 311 0.94 1.11 20.25
CA GLN A 311 1.59 1.78 21.33
C GLN A 311 1.36 3.24 20.92
N LEU A 312 1.46 4.19 21.83
CA LEU A 312 1.32 5.58 21.37
C LEU A 312 2.74 5.97 20.98
N TYR A 313 3.31 5.13 20.13
CA TYR A 313 4.67 5.33 19.77
C TYR A 313 5.06 4.86 18.37
N GLN A 314 5.50 5.84 17.60
CA GLN A 314 5.82 5.76 16.18
C GLN A 314 7.27 6.15 15.90
N LEU A 315 8.23 5.24 15.97
CA LEU A 315 9.58 5.64 15.54
C LEU A 315 9.65 6.19 14.13
N TYR A 316 10.47 7.23 13.98
CA TYR A 316 10.88 7.91 12.72
C TYR A 316 12.41 8.05 12.83
N PRO A 317 13.11 8.41 11.73
CA PRO A 317 14.56 8.45 11.98
C PRO A 317 15.04 9.70 12.78
N GLY A 318 15.78 9.50 13.89
CA GLY A 318 16.05 10.53 14.88
C GLY A 318 14.88 10.83 15.76
N LYS A 319 13.93 11.53 15.20
CA LYS A 319 12.69 11.88 15.87
C LYS A 319 11.98 10.61 16.31
N ILE A 320 10.97 10.76 17.15
CA ILE A 320 10.11 9.66 17.56
C ILE A 320 8.82 10.29 18.05
N CYS A 321 7.79 10.31 17.21
CA CYS A 321 6.53 10.92 17.59
C CYS A 321 5.78 10.26 18.74
N VAL A 322 5.81 10.90 19.89
CA VAL A 322 5.10 10.44 21.08
C VAL A 322 3.72 11.08 21.11
N PHE A 323 2.68 10.51 20.53
CA PHE A 323 1.40 11.22 20.54
C PHE A 323 0.63 11.05 21.81
N GLU A 324 -0.16 12.07 22.14
CA GLU A 324 -0.98 12.05 23.33
C GLU A 324 -2.22 11.17 23.21
N LYS A 325 -2.79 11.07 22.01
CA LYS A 325 -4.07 10.40 21.83
C LYS A 325 -4.20 9.48 20.62
N ASP A 326 -5.15 8.54 20.72
CA ASP A 326 -5.44 7.47 19.76
C ASP A 326 -5.54 7.93 18.34
N THR A 327 -6.06 9.15 18.30
CA THR A 327 -6.58 9.88 17.17
C THR A 327 -5.73 10.98 16.55
N ALA A 328 -4.46 11.08 16.92
CA ALA A 328 -3.64 12.21 16.52
C ALA A 328 -3.36 12.21 14.99
N CYS A 329 -3.25 11.04 14.35
CA CYS A 329 -2.63 10.99 13.04
C CYS A 329 -3.56 11.53 11.95
N ILE A 330 -4.86 11.40 12.11
CA ILE A 330 -5.72 12.03 11.09
C ILE A 330 -5.51 13.56 11.02
N PRO A 331 -5.60 14.25 12.18
CA PRO A 331 -5.31 15.67 12.10
C PRO A 331 -3.90 15.86 11.56
N CYS A 332 -2.96 14.99 11.97
CA CYS A 332 -1.59 15.19 11.51
C CYS A 332 -1.46 15.20 10.03
N VAL A 333 -2.01 14.20 9.40
CA VAL A 333 -1.94 14.18 7.96
C VAL A 333 -2.77 15.25 7.25
N MET A 334 -3.91 15.67 7.82
CA MET A 334 -4.63 16.77 7.16
C MET A 334 -3.74 18.00 7.15
N LYS A 335 -3.05 18.22 8.26
CA LYS A 335 -2.11 19.32 8.37
C LYS A 335 -1.02 19.13 7.35
N MET A 336 -0.50 17.91 7.23
CA MET A 336 0.54 17.68 6.25
C MET A 336 0.12 18.08 4.86
N ILE A 337 -1.06 17.60 4.49
CA ILE A 337 -1.64 17.82 3.18
C ILE A 337 -1.77 19.30 2.89
N GLU A 338 -2.23 20.03 3.89
CA GLU A 338 -2.40 21.46 3.73
C GLU A 338 -1.04 22.11 3.51
N LEU A 339 -0.04 21.75 4.30
CA LEU A 339 1.28 22.32 4.16
C LEU A 339 2.05 21.93 2.90
N LEU A 340 1.67 20.85 2.24
CA LEU A 340 2.26 20.51 0.95
C LEU A 340 1.63 21.29 -0.17
N GLY A 341 0.63 22.10 0.17
CA GLY A 341 -0.11 22.83 -0.84
C GLY A 341 -1.01 21.91 -1.64
N ARG A 342 -1.45 20.81 -1.03
CA ARG A 342 -2.32 19.88 -1.72
C ARG A 342 -3.71 20.04 -1.12
N LYS A 343 -4.68 19.25 -1.58
CA LYS A 343 -6.08 19.45 -1.21
C LYS A 343 -6.68 18.21 -0.64
N PRO A 344 -7.60 18.38 0.31
CA PRO A 344 -8.23 17.14 0.76
C PRO A 344 -9.22 16.61 -0.27
N GLY A 345 -9.45 15.30 -0.30
CA GLY A 345 -10.46 14.74 -1.18
C GLY A 345 -11.86 15.23 -0.89
N ARG A 346 -12.67 15.43 -1.94
CA ARG A 346 -14.02 15.94 -1.74
C ARG A 346 -14.92 14.73 -1.71
N ASP A 347 -14.40 13.62 -2.20
CA ASP A 347 -15.19 12.41 -2.32
C ASP A 347 -14.44 11.22 -1.83
N TRP A 348 -14.90 10.02 -2.19
CA TRP A 348 -14.18 8.86 -1.73
C TRP A 348 -12.84 8.59 -2.39
N GLY A 349 -12.51 9.28 -3.47
CA GLY A 349 -11.19 9.11 -4.08
C GLY A 349 -10.94 7.73 -4.68
N GLY A 350 -11.96 7.09 -5.20
CA GLY A 350 -11.75 5.84 -5.89
C GLY A 350 -11.09 6.03 -7.22
N ARG A 351 -10.59 4.96 -7.85
CA ARG A 351 -9.95 5.12 -9.16
C ARG A 351 -10.91 5.59 -10.25
N LYS A 352 -10.47 6.58 -11.02
CA LYS A 352 -11.22 7.12 -12.13
C LYS A 352 -10.51 6.73 -13.41
N ARG A 353 -10.88 5.61 -14.01
CA ARG A 353 -10.13 5.09 -15.15
C ARG A 353 -10.26 6.00 -16.38
N VAL A 354 -9.30 6.91 -16.52
CA VAL A 354 -9.14 7.77 -17.68
C VAL A 354 -7.86 7.36 -18.39
N PHE A 355 -7.21 8.32 -19.02
CA PHE A 355 -5.97 8.09 -19.73
C PHE A 355 -6.14 7.21 -20.99
N GLU A 356 -7.09 6.27 -21.08
CA GLU A 356 -7.10 5.54 -22.37
C GLU A 356 -8.36 5.26 -23.21
N THR A 357 -8.29 4.21 -24.03
CA THR A 357 -9.38 3.79 -24.94
C THR A 357 -9.97 5.02 -25.66
FE1 SF4 B . 2.05 -13.12 5.31
FE2 SF4 B . 0.32 -10.98 5.65
FE3 SF4 B . 0.46 -12.99 7.45
FE4 SF4 B . 2.40 -11.15 7.26
S1 SF4 B . 0.26 -10.77 7.95
S2 SF4 B . 2.69 -13.45 7.50
S3 SF4 B . 2.52 -10.91 4.98
S4 SF4 B . -0.22 -13.17 5.24
FE1 SF4 C . 3.52 10.52 12.49
FE2 SF4 C . 1.01 10.32 13.81
FE3 SF4 C . 3.02 11.43 15.01
FE4 SF4 C . 1.89 12.57 12.84
S1 SF4 C . 0.92 12.33 14.92
S2 SF4 C . 4.15 12.54 13.30
S3 SF4 C . 1.46 10.70 11.59
S4 SF4 C . 2.98 9.25 14.30
S H2S D . -2.11 -9.20 4.28
CL CL E . -0.29 -7.44 4.87
CL CL F . 3.55 0.43 4.91
CL CL G . 0.30 -0.43 7.37
CL CL H . -0.91 -6.56 8.32
CL CL I . -8.24 2.69 -0.38
S SO4 J . -8.71 9.37 -8.60
O1 SO4 J . -9.88 10.18 -8.27
O2 SO4 J . -8.46 8.44 -7.51
O3 SO4 J . -8.87 8.62 -9.85
O4 SO4 J . -7.54 10.23 -8.71
#